data_5PA7
#
_entry.id   5PA7
#
_cell.length_a   57.185
_cell.length_b   60.105
_cell.length_c   147.614
_cell.angle_alpha   90.000
_cell.angle_beta   90.000
_cell.angle_gamma   90.000
#
_symmetry.space_group_name_H-M   'P 21 21 21'
#
loop_
_entity.id
_entity.type
_entity.pdbx_description
1 polymer 'Catechol O-methyltransferase'
2 non-polymer S-ADENOSYL-L-HOMOCYSTEINE
3 non-polymer 'MAGNESIUM ION'
4 non-polymer 6-bromanyl-3-chloranyl-quinolin-8-ol
5 non-polymer 'SODIUM ION'
6 water water
#
_entity_poly.entity_id   1
_entity_poly.type   'polypeptide(L)'
_entity_poly.pdbx_seq_one_letter_code
;MGDTKEQRILRYVQQNAKPGDPQSVLEAIDTYCTQKEWAMNVGDAKGQIMDAVIREYSPSLVLELGAYCGYSAVRMARLL
QPGARLLTMEINPDCAAITQQMLNFAGLQDKVTILNGASQDLIPQLKKKYDVDTLDMVFLDHWKDRYLPDTLLLEKCGLL
RKGTVLLADNVIVPGTPDFLAYVRGSSSFECTHYSSYLEYMKVVDGLEKAIYQGPSSPDKS
;
_entity_poly.pdbx_strand_id   A,B
#
loop_
_chem_comp.id
_chem_comp.type
_chem_comp.name
_chem_comp.formula
7JX non-polymer 6-bromanyl-3-chloranyl-quinolin-8-ol 'C9 H5 Br Cl N O'
MG non-polymer 'MAGNESIUM ION' 'Mg 2'
NA non-polymer 'SODIUM ION' 'Na 1'
#
# COMPACT_ATOMS: atom_id res chain seq x y z
N ASP A 3 -14.67 11.75 -7.30
CA ASP A 3 -15.26 11.35 -6.02
C ASP A 3 -15.88 9.95 -6.08
N THR A 4 -15.62 9.13 -5.06
CA THR A 4 -16.06 7.73 -5.09
C THR A 4 -17.01 7.35 -3.94
N LYS A 5 -17.71 6.24 -4.12
CA LYS A 5 -18.62 5.70 -3.12
C LYS A 5 -17.91 5.59 -1.77
N GLU A 6 -16.71 5.05 -1.80
CA GLU A 6 -15.91 4.83 -0.60
C GLU A 6 -15.54 6.15 0.10
N GLN A 7 -15.21 7.16 -0.69
CA GLN A 7 -14.98 8.49 -0.11
C GLN A 7 -16.28 9.02 0.47
N ARG A 8 -17.40 8.71 -0.19
CA ARG A 8 -18.68 9.25 0.28
C ARG A 8 -19.03 8.64 1.62
N ILE A 9 -18.76 7.35 1.75
CA ILE A 9 -18.95 6.64 3.00
C ILE A 9 -18.10 7.28 4.10
N LEU A 10 -16.81 7.42 3.83
CA LEU A 10 -15.92 8.01 4.81
C LEU A 10 -16.43 9.41 5.21
N ARG A 11 -16.79 10.22 4.22
CA ARG A 11 -17.31 11.55 4.51
C ARG A 11 -18.59 11.49 5.37
N TYR A 12 -19.52 10.58 5.05
CA TYR A 12 -20.74 10.49 5.85
C TYR A 12 -20.39 10.25 7.33
N VAL A 13 -19.43 9.35 7.55
CA VAL A 13 -18.99 9.01 8.89
C VAL A 13 -18.36 10.21 9.63
N GLN A 14 -17.40 10.87 8.99
CA GLN A 14 -16.78 12.04 9.62
C GLN A 14 -17.79 13.12 9.95
N GLN A 15 -18.87 13.19 9.19
CA GLN A 15 -19.89 14.20 9.38
C GLN A 15 -20.94 13.82 10.44
N ASN A 16 -21.07 12.52 10.71
CA ASN A 16 -22.18 12.04 11.57
C ASN A 16 -21.74 11.28 12.82
N ALA A 17 -20.68 10.48 12.72
CA ALA A 17 -20.23 9.73 13.87
C ALA A 17 -19.49 10.61 14.87
N LYS A 18 -19.16 10.01 16.00
CA LYS A 18 -18.46 10.67 17.10
C LYS A 18 -17.01 10.18 17.13
N PRO A 19 -16.05 11.10 17.03
CA PRO A 19 -14.63 10.72 17.03
C PRO A 19 -14.31 9.92 18.28
N GLY A 20 -13.54 8.85 18.14
CA GLY A 20 -13.18 8.05 19.28
C GLY A 20 -14.23 7.04 19.69
N ASP A 21 -15.30 6.89 18.91
CA ASP A 21 -16.40 6.01 19.29
C ASP A 21 -16.72 4.96 18.20
N PRO A 22 -16.15 3.75 18.31
CA PRO A 22 -16.27 2.71 17.27
C PRO A 22 -17.71 2.30 16.96
N GLN A 23 -18.52 2.19 18.01
CA GLN A 23 -19.94 1.90 17.84
C GLN A 23 -20.61 2.88 16.89
N SER A 24 -20.42 4.17 17.13
CA SER A 24 -21.10 5.19 16.33
C SER A 24 -20.55 5.18 14.90
N VAL A 25 -19.31 4.76 14.73
CA VAL A 25 -18.74 4.66 13.39
C VAL A 25 -19.43 3.53 12.62
N LEU A 26 -19.49 2.34 13.22
CA LEU A 26 -20.23 1.21 12.66
C LEU A 26 -21.65 1.59 12.29
N GLU A 27 -22.39 2.13 13.26
CA GLU A 27 -23.76 2.55 13.00
C GLU A 27 -23.93 3.53 11.83
N ALA A 28 -22.99 4.47 11.67
CA ALA A 28 -23.07 5.42 10.56
C ALA A 28 -22.83 4.73 9.21
N ILE A 29 -21.81 3.89 9.14
CA ILE A 29 -21.56 3.14 7.92
C ILE A 29 -22.80 2.30 7.55
N ASP A 30 -23.36 1.61 8.54
CA ASP A 30 -24.54 0.79 8.29
C ASP A 30 -25.73 1.64 7.83
N THR A 31 -25.93 2.79 8.45
CA THR A 31 -26.99 3.72 8.06
C THR A 31 -26.81 4.17 6.61
N TYR A 32 -25.59 4.58 6.26
CA TYR A 32 -25.33 5.09 4.91
C TYR A 32 -25.53 3.99 3.86
N CYS A 33 -24.88 2.86 4.10
CA CYS A 33 -24.90 1.77 3.15
C CYS A 33 -26.24 1.06 3.09
N THR A 34 -27.16 1.43 3.98
CA THR A 34 -28.49 0.86 3.99
C THR A 34 -29.52 1.84 3.43
N GLN A 35 -29.23 3.14 3.55
CA GLN A 35 -30.20 4.16 3.17
C GLN A 35 -29.85 4.85 1.85
N LYS A 36 -28.57 4.89 1.51
CA LYS A 36 -28.12 5.72 0.38
C LYS A 36 -27.52 4.92 -0.78
N GLU A 37 -26.44 4.18 -0.51
CA GLU A 37 -25.86 3.29 -1.52
C GLU A 37 -25.16 2.08 -0.91
N TRP A 38 -25.58 0.90 -1.35
CA TRP A 38 -25.02 -0.35 -0.90
C TRP A 38 -23.52 -0.39 -1.11
N ALA A 39 -22.82 -1.08 -0.22
CA ALA A 39 -21.41 -1.37 -0.40
C ALA A 39 -21.09 -2.71 0.26
N MET A 40 -20.00 -3.33 -0.16
CA MET A 40 -19.66 -4.68 0.25
C MET A 40 -19.06 -4.81 1.66
N ASN A 41 -19.51 -3.99 2.61
CA ASN A 41 -19.10 -4.19 3.99
C ASN A 41 -19.75 -5.47 4.53
N VAL A 42 -19.07 -6.14 5.44
CA VAL A 42 -19.64 -7.35 6.00
C VAL A 42 -21.06 -7.07 6.55
N GLY A 43 -21.26 -5.89 7.13
CA GLY A 43 -22.58 -5.46 7.58
C GLY A 43 -22.93 -5.91 8.99
N ASP A 44 -24.06 -5.42 9.50
CA ASP A 44 -24.41 -5.61 10.91
C ASP A 44 -24.83 -7.03 11.29
N ALA A 45 -25.64 -7.67 10.45
CA ALA A 45 -26.09 -9.04 10.69
C ALA A 45 -24.90 -9.99 10.79
N LYS A 46 -24.05 -9.99 9.78
CA LYS A 46 -22.84 -10.81 9.80
C LYS A 46 -21.91 -10.31 10.90
N GLY A 47 -21.98 -9.01 11.17
CA GLY A 47 -21.21 -8.41 12.26
C GLY A 47 -21.50 -9.05 13.62
N GLN A 48 -22.76 -9.42 13.84
CA GLN A 48 -23.17 -10.06 15.09
C GLN A 48 -22.48 -11.43 15.26
N ILE A 49 -22.37 -12.17 14.17
CA ILE A 49 -21.68 -13.44 14.17
C ILE A 49 -20.18 -13.25 14.42
N MET A 50 -19.60 -12.25 13.76
CA MET A 50 -18.18 -11.95 13.95
C MET A 50 -17.86 -11.57 15.39
N ASP A 51 -18.74 -10.78 16.01
CA ASP A 51 -18.63 -10.43 17.43
C ASP A 51 -18.59 -11.68 18.32
N ALA A 52 -19.54 -12.58 18.12
CA ALA A 52 -19.62 -13.79 18.94
C ALA A 52 -18.34 -14.60 18.83
N VAL A 53 -17.84 -14.72 17.60
CA VAL A 53 -16.61 -15.46 17.37
C VAL A 53 -15.42 -14.85 18.13
N ILE A 54 -15.28 -13.53 18.07
CA ILE A 54 -14.16 -12.85 18.72
C ILE A 54 -14.26 -13.04 20.23
N ARG A 55 -15.48 -12.93 20.74
CA ARG A 55 -15.72 -13.08 22.17
C ARG A 55 -15.44 -14.50 22.64
N GLU A 56 -15.79 -15.49 21.81
CA GLU A 56 -15.59 -16.87 22.21
C GLU A 56 -14.10 -17.23 22.27
N TYR A 57 -13.34 -16.77 21.29
CA TYR A 57 -11.96 -17.21 21.13
C TYR A 57 -10.89 -16.25 21.67
N SER A 58 -11.24 -14.96 21.82
CA SER A 58 -10.33 -13.96 22.38
C SER A 58 -8.93 -14.00 21.77
N PRO A 59 -8.86 -13.92 20.42
CA PRO A 59 -7.57 -14.01 19.74
C PRO A 59 -6.65 -12.88 20.15
N SER A 60 -5.36 -13.15 20.31
CA SER A 60 -4.40 -12.11 20.60
C SER A 60 -3.82 -11.53 19.31
N LEU A 61 -3.81 -12.36 18.26
CA LEU A 61 -3.33 -11.92 16.95
C LEU A 61 -4.31 -12.30 15.84
N VAL A 62 -4.91 -11.30 15.23
CA VAL A 62 -5.85 -11.52 14.12
C VAL A 62 -5.28 -11.00 12.79
N LEU A 63 -5.53 -11.76 11.72
CA LEU A 63 -5.22 -11.35 10.34
C LEU A 63 -6.47 -11.23 9.48
N GLU A 64 -6.71 -10.04 8.94
CA GLU A 64 -7.81 -9.85 8.01
C GLU A 64 -7.29 -9.75 6.58
N LEU A 65 -7.94 -10.45 5.66
CA LEU A 65 -7.63 -10.30 4.23
C LEU A 65 -8.73 -9.51 3.53
N GLY A 66 -8.41 -8.27 3.19
CA GLY A 66 -9.35 -7.37 2.54
C GLY A 66 -9.93 -6.38 3.54
N ALA A 67 -9.47 -5.13 3.48
CA ALA A 67 -9.88 -4.12 4.45
C ALA A 67 -10.99 -3.24 3.91
N TYR A 68 -10.88 -2.84 2.66
CA TYR A 68 -11.88 -1.99 2.01
C TYR A 68 -12.02 -0.66 2.76
N CYS A 69 -13.18 -0.40 3.35
CA CYS A 69 -13.37 0.86 4.05
C CYS A 69 -13.10 0.79 5.54
N GLY A 70 -12.66 -0.36 6.03
CA GLY A 70 -12.37 -0.49 7.45
C GLY A 70 -13.53 -0.95 8.33
N TYR A 71 -14.74 -1.08 7.79
CA TYR A 71 -15.88 -1.55 8.60
C TYR A 71 -15.54 -2.80 9.42
N SER A 72 -15.11 -3.87 8.75
CA SER A 72 -14.76 -5.08 9.49
C SER A 72 -13.55 -4.92 10.42
N ALA A 73 -12.59 -4.07 10.07
CA ALA A 73 -11.43 -3.85 10.92
C ALA A 73 -11.82 -3.15 12.23
N VAL A 74 -12.71 -2.16 12.11
CA VAL A 74 -13.30 -1.48 13.26
C VAL A 74 -14.19 -2.46 14.08
N ARG A 75 -14.94 -3.31 13.39
CA ARG A 75 -15.82 -4.27 14.09
C ARG A 75 -15.02 -5.18 15.02
N MET A 76 -13.94 -5.75 14.50
CA MET A 76 -13.11 -6.65 15.28
C MET A 76 -12.22 -5.96 16.31
N ALA A 77 -11.44 -4.98 15.85
CA ALA A 77 -10.51 -4.29 16.76
C ALA A 77 -11.16 -3.75 18.04
N ARG A 78 -12.43 -3.37 17.97
CA ARG A 78 -13.11 -2.81 19.15
C ARG A 78 -13.38 -3.85 20.26
N LEU A 79 -13.26 -5.14 19.93
CA LEU A 79 -13.51 -6.20 20.91
C LEU A 79 -12.23 -6.88 21.34
N LEU A 80 -11.11 -6.50 20.73
CA LEU A 80 -9.83 -7.08 21.10
C LEU A 80 -9.49 -6.76 22.54
N GLN A 81 -8.86 -7.72 23.21
CA GLN A 81 -8.41 -7.53 24.58
C GLN A 81 -7.19 -6.61 24.57
N PRO A 82 -6.88 -6.01 25.73
CA PRO A 82 -5.67 -5.19 25.85
C PRO A 82 -4.45 -5.98 25.42
N GLY A 83 -3.63 -5.40 24.57
CA GLY A 83 -2.44 -6.10 24.09
C GLY A 83 -2.64 -6.93 22.82
N ALA A 84 -3.90 -7.20 22.46
CA ALA A 84 -4.16 -7.96 21.24
C ALA A 84 -4.05 -7.04 20.03
N ARG A 85 -3.86 -7.61 18.85
CA ARG A 85 -3.65 -6.81 17.66
C ARG A 85 -4.27 -7.36 16.39
N LEU A 86 -4.62 -6.45 15.49
CA LEU A 86 -5.15 -6.83 14.20
C LEU A 86 -4.22 -6.41 13.08
N LEU A 87 -3.88 -7.35 12.21
CA LEU A 87 -3.18 -7.04 10.99
C LEU A 87 -4.18 -7.14 9.87
N THR A 88 -4.23 -6.13 8.99
CA THR A 88 -5.13 -6.22 7.85
C THR A 88 -4.37 -5.94 6.55
N MET A 89 -4.60 -6.79 5.55
CA MET A 89 -3.92 -6.66 4.27
C MET A 89 -4.88 -6.14 3.22
N GLU A 90 -4.46 -5.09 2.51
CA GLU A 90 -5.29 -4.43 1.50
C GLU A 90 -4.42 -4.10 0.30
N ILE A 91 -4.83 -4.57 -0.88
CA ILE A 91 -4.02 -4.45 -2.08
C ILE A 91 -4.14 -3.05 -2.70
N ASN A 92 -5.32 -2.46 -2.57
CA ASN A 92 -5.62 -1.18 -3.20
C ASN A 92 -5.31 -0.03 -2.24
N PRO A 93 -4.32 0.84 -2.60
CA PRO A 93 -3.86 1.90 -1.69
C PRO A 93 -4.95 2.94 -1.39
N ASP A 94 -5.93 3.06 -2.27
CA ASP A 94 -7.06 3.95 -1.99
C ASP A 94 -7.90 3.39 -0.84
N CYS A 95 -8.11 2.08 -0.83
CA CYS A 95 -8.85 1.45 0.26
C CYS A 95 -8.05 1.50 1.55
N ALA A 96 -6.74 1.30 1.49
CA ALA A 96 -5.94 1.34 2.70
C ALA A 96 -6.03 2.73 3.31
N ALA A 97 -6.08 3.76 2.47
CA ALA A 97 -6.19 5.12 2.96
C ALA A 97 -7.54 5.35 3.67
N ILE A 98 -8.64 4.94 3.03
CA ILE A 98 -9.95 5.10 3.65
C ILE A 98 -10.01 4.35 4.98
N THR A 99 -9.48 3.12 4.99
CA THR A 99 -9.46 2.29 6.18
C THR A 99 -8.64 2.94 7.28
N GLN A 100 -7.50 3.50 6.91
CA GLN A 100 -6.65 4.17 7.90
C GLN A 100 -7.41 5.29 8.56
N GLN A 101 -8.13 6.06 7.77
CA GLN A 101 -8.82 7.25 8.30
C GLN A 101 -10.01 6.85 9.18
N MET A 102 -10.58 5.70 8.86
CA MET A 102 -11.73 5.18 9.57
C MET A 102 -11.26 4.67 10.93
N LEU A 103 -10.12 4.00 10.94
CA LEU A 103 -9.48 3.58 12.19
C LEU A 103 -9.07 4.80 13.02
N ASN A 104 -8.47 5.81 12.39
CA ASN A 104 -8.13 7.04 13.11
C ASN A 104 -9.35 7.66 13.77
N PHE A 105 -10.42 7.81 13.00
CA PHE A 105 -11.63 8.44 13.51
C PHE A 105 -12.23 7.66 14.67
N ALA A 106 -12.18 6.32 14.59
CA ALA A 106 -12.73 5.47 15.64
C ALA A 106 -11.83 5.41 16.89
N GLY A 107 -10.59 5.85 16.74
CA GLY A 107 -9.64 5.80 17.85
C GLY A 107 -8.95 4.44 18.01
N LEU A 108 -9.02 3.62 16.96
CA LEU A 108 -8.51 2.25 17.05
C LEU A 108 -7.15 2.04 16.41
N GLN A 109 -6.49 3.14 16.05
CA GLN A 109 -5.31 3.04 15.17
C GLN A 109 -4.12 2.32 15.83
N ASP A 110 -4.09 2.32 17.16
CA ASP A 110 -3.01 1.66 17.89
C ASP A 110 -3.16 0.12 18.01
N LYS A 111 -4.35 -0.38 17.70
CA LYS A 111 -4.62 -1.83 17.78
C LYS A 111 -4.52 -2.47 16.40
N VAL A 112 -4.53 -1.64 15.37
CA VAL A 112 -4.58 -2.15 14.01
C VAL A 112 -3.42 -1.64 13.17
N THR A 113 -2.82 -2.56 12.41
CA THR A 113 -1.79 -2.23 11.43
C THR A 113 -2.20 -2.61 10.02
N ILE A 114 -2.20 -1.63 9.12
CA ILE A 114 -2.52 -1.90 7.73
C ILE A 114 -1.23 -2.28 7.01
N LEU A 115 -1.28 -3.40 6.28
CA LEU A 115 -0.17 -3.82 5.45
C LEU A 115 -0.57 -3.59 4.00
N ASN A 116 0.26 -2.86 3.26
CA ASN A 116 -0.08 -2.47 1.89
C ASN A 116 0.48 -3.48 0.90
N GLY A 117 -0.40 -4.20 0.21
CA GLY A 117 0.05 -5.24 -0.70
C GLY A 117 -1.00 -6.32 -0.92
N ALA A 118 -0.70 -7.23 -1.84
CA ALA A 118 -1.53 -8.41 -2.04
C ALA A 118 -1.18 -9.41 -0.98
N SER A 119 -2.22 -10.03 -0.39
CA SER A 119 -2.07 -11.08 0.61
C SER A 119 -0.95 -12.09 0.31
N GLN A 120 -0.89 -12.56 -0.93
CA GLN A 120 0.05 -13.65 -1.24
C GLN A 120 1.48 -13.14 -1.21
N ASP A 121 1.65 -11.86 -1.55
CA ASP A 121 2.95 -11.20 -1.42
C ASP A 121 3.34 -11.01 0.05
N LEU A 122 2.39 -10.61 0.88
CA LEU A 122 2.65 -10.24 2.29
C LEU A 122 2.71 -11.42 3.27
N ILE A 123 1.91 -12.45 3.01
CA ILE A 123 1.80 -13.60 3.91
C ILE A 123 3.15 -14.26 4.26
N PRO A 124 4.01 -14.50 3.25
CA PRO A 124 5.33 -15.10 3.48
C PRO A 124 6.30 -14.15 4.18
N GLN A 125 5.90 -12.90 4.34
CA GLN A 125 6.75 -11.91 5.01
C GLN A 125 6.41 -11.76 6.48
N LEU A 126 5.26 -12.29 6.88
CA LEU A 126 4.78 -12.11 8.24
C LEU A 126 5.78 -12.52 9.33
N LYS A 127 6.42 -13.67 9.16
CA LYS A 127 7.34 -14.17 10.18
C LYS A 127 8.53 -13.25 10.41
N LYS A 128 9.29 -12.98 9.35
CA LYS A 128 10.59 -12.31 9.50
C LYS A 128 10.51 -10.78 9.50
N LYS A 129 9.51 -10.22 8.83
CA LYS A 129 9.39 -8.77 8.75
C LYS A 129 8.50 -8.21 9.86
N TYR A 130 7.52 -8.98 10.29
CA TYR A 130 6.56 -8.53 11.28
C TYR A 130 6.58 -9.42 12.53
N ASP A 131 7.61 -10.26 12.62
CA ASP A 131 7.84 -11.10 13.79
C ASP A 131 6.62 -11.87 14.32
N VAL A 132 5.77 -12.33 13.42
CA VAL A 132 4.65 -13.19 13.80
C VAL A 132 5.15 -14.60 14.04
N ASP A 133 4.67 -15.24 15.10
CA ASP A 133 4.89 -16.67 15.27
C ASP A 133 3.74 -17.42 14.59
N THR A 134 2.58 -17.42 15.23
CA THR A 134 1.38 -18.03 14.64
C THR A 134 0.16 -17.14 14.82
N LEU A 135 -0.84 -17.35 13.99
CA LEU A 135 -2.06 -16.57 14.04
C LEU A 135 -3.09 -17.22 14.94
N ASP A 136 -3.92 -16.42 15.58
CA ASP A 136 -4.99 -16.96 16.40
C ASP A 136 -6.27 -16.96 15.57
N MET A 137 -6.38 -16.01 14.64
CA MET A 137 -7.58 -15.97 13.82
C MET A 137 -7.35 -15.26 12.50
N VAL A 138 -8.07 -15.70 11.47
CA VAL A 138 -7.98 -15.09 10.15
C VAL A 138 -9.38 -14.85 9.62
N PHE A 139 -9.63 -13.63 9.15
CA PHE A 139 -10.88 -13.30 8.48
C PHE A 139 -10.67 -13.15 6.98
N LEU A 140 -11.28 -14.04 6.20
CA LEU A 140 -11.11 -13.99 4.75
C LEU A 140 -12.31 -13.31 4.11
N ASP A 141 -12.06 -12.22 3.38
CA ASP A 141 -13.14 -11.42 2.82
C ASP A 141 -12.61 -10.61 1.63
N HIS A 142 -11.58 -11.16 0.99
CA HIS A 142 -11.02 -10.57 -0.20
C HIS A 142 -11.57 -11.23 -1.49
N TRP A 143 -10.84 -11.21 -2.59
CA TRP A 143 -11.35 -11.79 -3.84
C TRP A 143 -11.57 -13.29 -3.70
N LYS A 144 -12.74 -13.75 -4.15
CA LYS A 144 -13.21 -15.09 -3.79
C LYS A 144 -12.28 -16.20 -4.26
N ASP A 145 -11.65 -16.00 -5.41
CA ASP A 145 -10.68 -16.95 -5.98
C ASP A 145 -9.40 -17.09 -5.16
N ARG A 146 -9.21 -16.22 -4.17
CA ARG A 146 -8.00 -16.24 -3.36
C ARG A 146 -8.11 -17.03 -2.05
N TYR A 147 -9.33 -17.37 -1.63
CA TYR A 147 -9.53 -18.00 -0.33
C TYR A 147 -8.70 -19.28 -0.19
N LEU A 148 -8.84 -20.18 -1.16
CA LEU A 148 -8.15 -21.46 -1.11
C LEU A 148 -6.63 -21.35 -1.19
N PRO A 149 -6.10 -20.69 -2.25
CA PRO A 149 -4.64 -20.64 -2.34
C PRO A 149 -3.98 -19.90 -1.16
N ASP A 150 -4.64 -18.89 -0.63
CA ASP A 150 -4.07 -18.15 0.49
C ASP A 150 -4.10 -19.01 1.77
N THR A 151 -5.15 -19.81 1.91
CA THR A 151 -5.27 -20.69 3.07
C THR A 151 -4.19 -21.76 3.07
N LEU A 152 -3.94 -22.33 1.89
CA LEU A 152 -2.89 -23.33 1.73
C LEU A 152 -1.53 -22.68 1.94
N LEU A 153 -1.41 -21.42 1.53
CA LEU A 153 -0.19 -20.65 1.71
C LEU A 153 0.06 -20.31 3.18
N LEU A 154 -0.98 -19.90 3.90
CA LEU A 154 -0.90 -19.76 5.36
C LEU A 154 -0.45 -21.06 6.04
N GLU A 155 -1.02 -22.17 5.60
CA GLU A 155 -0.64 -23.50 6.07
C GLU A 155 0.84 -23.73 5.86
N LYS A 156 1.32 -23.45 4.66
CA LYS A 156 2.68 -23.81 4.25
C LYS A 156 3.76 -22.95 4.93
N CYS A 157 3.41 -21.71 5.23
CA CYS A 157 4.32 -20.78 5.90
C CYS A 157 4.32 -21.06 7.42
N GLY A 158 3.43 -21.92 7.86
CA GLY A 158 3.42 -22.37 9.24
C GLY A 158 2.83 -21.34 10.18
N LEU A 159 1.84 -20.61 9.68
CA LEU A 159 1.20 -19.54 10.44
C LEU A 159 -0.06 -19.98 11.17
N LEU A 160 -0.48 -21.23 10.93
CA LEU A 160 -1.64 -21.76 11.64
C LEU A 160 -1.19 -22.71 12.75
N ARG A 161 -1.98 -22.76 13.82
CA ARG A 161 -1.71 -23.63 14.94
C ARG A 161 -3.01 -24.33 15.34
N LYS A 162 -2.91 -25.43 16.08
CA LYS A 162 -4.13 -26.10 16.54
C LYS A 162 -5.00 -25.11 17.29
N GLY A 163 -6.20 -24.86 16.77
CA GLY A 163 -7.11 -23.91 17.39
C GLY A 163 -7.31 -22.62 16.60
N THR A 164 -6.39 -22.31 15.69
CA THR A 164 -6.55 -21.11 14.86
C THR A 164 -7.93 -21.08 14.19
N VAL A 165 -8.60 -19.95 14.28
CA VAL A 165 -9.95 -19.82 13.75
C VAL A 165 -9.96 -19.15 12.39
N LEU A 166 -10.33 -19.88 11.35
CA LEU A 166 -10.56 -19.23 10.07
C LEU A 166 -12.02 -18.84 9.95
N LEU A 167 -12.29 -17.58 9.62
CA LEU A 167 -13.67 -17.15 9.39
C LEU A 167 -13.77 -16.55 7.99
N ALA A 168 -14.52 -17.25 7.13
CA ALA A 168 -14.62 -16.91 5.73
C ALA A 168 -15.98 -16.31 5.41
N ASP A 169 -15.99 -15.13 4.83
CA ASP A 169 -17.24 -14.53 4.38
C ASP A 169 -17.55 -14.86 2.92
N ASN A 170 -18.82 -14.83 2.58
CA ASN A 170 -19.24 -14.96 1.18
C ASN A 170 -18.95 -16.34 0.62
N VAL A 171 -19.05 -17.36 1.47
CA VAL A 171 -18.77 -18.71 1.01
C VAL A 171 -19.92 -19.22 0.14
N ILE A 172 -21.06 -18.53 0.16
CA ILE A 172 -22.19 -18.88 -0.71
C ILE A 172 -22.39 -17.88 -1.86
N VAL A 173 -22.29 -16.59 -1.55
CA VAL A 173 -22.43 -15.53 -2.54
C VAL A 173 -21.40 -14.47 -2.28
N PRO A 174 -20.58 -14.13 -3.30
CA PRO A 174 -20.59 -14.75 -4.62
C PRO A 174 -20.24 -16.24 -4.61
N GLY A 175 -19.59 -16.71 -3.54
CA GLY A 175 -19.37 -18.14 -3.38
C GLY A 175 -17.92 -18.58 -3.50
N THR A 176 -17.55 -19.57 -2.69
CA THR A 176 -16.20 -20.13 -2.67
C THR A 176 -16.30 -21.66 -2.53
N PRO A 177 -16.81 -22.32 -3.58
CA PRO A 177 -17.03 -23.78 -3.59
C PRO A 177 -15.77 -24.59 -3.38
N ASP A 178 -14.67 -24.23 -4.04
CA ASP A 178 -13.42 -24.98 -3.90
C ASP A 178 -12.86 -24.85 -2.48
N PHE A 179 -12.92 -23.65 -1.92
CA PHE A 179 -12.52 -23.43 -0.53
C PHE A 179 -13.31 -24.33 0.43
N LEU A 180 -14.64 -24.25 0.35
CA LEU A 180 -15.51 -25.06 1.21
C LEU A 180 -15.24 -26.55 1.07
N ALA A 181 -15.13 -26.99 -0.18
CA ALA A 181 -14.88 -28.40 -0.45
C ALA A 181 -13.60 -28.84 0.26
N TYR A 182 -12.58 -28.00 0.22
CA TYR A 182 -11.30 -28.34 0.83
C TYR A 182 -11.38 -28.42 2.36
N VAL A 183 -11.88 -27.36 2.99
CA VAL A 183 -11.93 -27.32 4.44
C VAL A 183 -12.94 -28.30 5.03
N ARG A 184 -14.12 -28.38 4.43
CA ARG A 184 -15.11 -29.37 4.86
C ARG A 184 -14.61 -30.79 4.60
N GLY A 185 -13.89 -30.98 3.51
CA GLY A 185 -13.36 -32.30 3.19
C GLY A 185 -12.24 -32.74 4.11
N SER A 186 -11.50 -31.77 4.66
CA SER A 186 -10.24 -32.09 5.33
C SER A 186 -10.34 -32.27 6.83
N SER A 187 -9.65 -33.31 7.29
CA SER A 187 -9.54 -33.62 8.71
C SER A 187 -8.70 -32.56 9.45
N SER A 188 -8.04 -31.69 8.69
CA SER A 188 -7.22 -30.63 9.28
C SER A 188 -8.08 -29.43 9.70
N PHE A 189 -9.34 -29.43 9.32
CA PHE A 189 -10.25 -28.32 9.68
C PHE A 189 -11.57 -28.86 10.21
N GLU A 190 -12.15 -28.18 11.20
CA GLU A 190 -13.47 -28.52 11.73
C GLU A 190 -14.41 -27.35 11.47
N CYS A 191 -15.45 -27.59 10.69
CA CYS A 191 -16.22 -26.48 10.13
C CYS A 191 -17.62 -26.33 10.69
N THR A 192 -18.06 -25.09 10.77
CA THR A 192 -19.42 -24.76 11.15
C THR A 192 -19.91 -23.75 10.14
N HIS A 193 -21.17 -23.87 9.72
CA HIS A 193 -21.72 -22.92 8.77
C HIS A 193 -22.70 -21.98 9.45
N TYR A 194 -22.51 -20.68 9.19
CA TYR A 194 -23.40 -19.66 9.75
C TYR A 194 -24.13 -18.97 8.61
N SER A 195 -25.43 -19.27 8.52
CA SER A 195 -26.30 -18.70 7.50
C SER A 195 -26.56 -17.21 7.76
N SER A 196 -26.60 -16.42 6.69
CA SER A 196 -26.98 -15.01 6.83
C SER A 196 -27.58 -14.50 5.52
N TYR A 197 -28.51 -13.57 5.63
CA TYR A 197 -29.24 -13.03 4.49
C TYR A 197 -28.74 -11.64 4.09
N LEU A 198 -28.38 -11.48 2.81
CA LEU A 198 -27.98 -10.19 2.25
C LEU A 198 -29.21 -9.41 1.81
N GLU A 199 -29.55 -8.37 2.56
CA GLU A 199 -30.86 -7.74 2.46
C GLU A 199 -31.06 -6.97 1.18
N TYR A 200 -30.00 -6.31 0.72
CA TYR A 200 -30.08 -5.49 -0.47
C TYR A 200 -30.29 -6.36 -1.71
N MET A 201 -29.48 -7.41 -1.81
CA MET A 201 -29.58 -8.34 -2.92
C MET A 201 -30.60 -9.45 -2.71
N LYS A 202 -31.29 -9.42 -1.56
CA LYS A 202 -32.34 -10.39 -1.22
C LYS A 202 -31.94 -11.83 -1.53
N VAL A 203 -30.81 -12.27 -0.99
CA VAL A 203 -30.33 -13.62 -1.26
C VAL A 203 -29.59 -14.16 -0.03
N VAL A 204 -29.70 -15.47 0.19
CA VAL A 204 -29.05 -16.13 1.31
C VAL A 204 -27.55 -16.29 1.08
N ASP A 205 -26.77 -15.83 2.04
CA ASP A 205 -25.33 -16.06 2.03
C ASP A 205 -24.92 -16.77 3.30
N GLY A 206 -23.64 -16.79 3.61
CA GLY A 206 -23.20 -17.37 4.86
C GLY A 206 -21.71 -17.24 5.10
N LEU A 207 -21.33 -17.46 6.35
CA LEU A 207 -19.94 -17.53 6.74
C LEU A 207 -19.61 -18.96 7.09
N GLU A 208 -18.35 -19.33 6.88
CA GLU A 208 -17.87 -20.62 7.35
C GLU A 208 -16.82 -20.38 8.43
N LYS A 209 -16.97 -21.04 9.56
CA LYS A 209 -15.93 -21.04 10.60
C LYS A 209 -15.14 -22.34 10.50
N ALA A 210 -13.88 -22.24 10.11
CA ALA A 210 -13.03 -23.41 10.04
C ALA A 210 -11.91 -23.34 11.08
N ILE A 211 -11.93 -24.27 12.03
CA ILE A 211 -10.93 -24.33 13.10
C ILE A 211 -9.86 -25.38 12.77
N TYR A 212 -8.63 -24.90 12.60
CA TYR A 212 -7.50 -25.74 12.23
C TYR A 212 -7.19 -26.77 13.33
N GLN A 213 -6.85 -27.99 12.93
CA GLN A 213 -6.51 -29.06 13.87
C GLN A 213 -5.02 -29.38 13.85
N GLY A 214 -4.29 -28.75 12.94
CA GLY A 214 -2.90 -29.11 12.69
C GLY A 214 -2.81 -29.93 11.42
N PRO A 215 -1.57 -30.19 10.95
CA PRO A 215 -1.31 -30.94 9.71
C PRO A 215 -2.05 -32.28 9.65
N ASP B 3 25.96 14.36 13.49
CA ASP B 3 26.06 15.64 12.80
C ASP B 3 24.79 15.94 12.00
N THR B 4 24.83 15.67 10.70
CA THR B 4 23.66 15.87 9.85
C THR B 4 22.79 14.62 9.83
N LYS B 5 21.49 14.81 9.59
CA LYS B 5 20.58 13.69 9.42
C LYS B 5 21.18 12.72 8.43
N GLU B 6 21.44 13.23 7.22
CA GLU B 6 21.91 12.45 6.09
C GLU B 6 23.06 11.49 6.40
N GLN B 7 24.03 11.95 7.18
CA GLN B 7 25.16 11.11 7.56
C GLN B 7 24.75 10.06 8.57
N ARG B 8 23.80 10.41 9.42
CA ARG B 8 23.35 9.50 10.47
C ARG B 8 22.50 8.38 9.86
N ILE B 9 21.73 8.70 8.82
CA ILE B 9 21.02 7.67 8.06
C ILE B 9 22.00 6.73 7.39
N LEU B 10 22.97 7.29 6.68
CA LEU B 10 23.95 6.49 5.95
C LEU B 10 24.69 5.56 6.91
N ARG B 11 25.19 6.13 7.99
CA ARG B 11 25.94 5.37 8.99
C ARG B 11 25.10 4.22 9.54
N TYR B 12 23.83 4.51 9.82
CA TYR B 12 22.92 3.49 10.33
C TYR B 12 22.78 2.35 9.33
N VAL B 13 22.61 2.70 8.06
CA VAL B 13 22.51 1.70 7.00
C VAL B 13 23.77 0.87 6.94
N GLN B 14 24.92 1.51 6.72
CA GLN B 14 26.19 0.81 6.62
C GLN B 14 26.39 -0.21 7.74
N GLN B 15 25.76 0.02 8.88
CA GLN B 15 25.90 -0.88 10.02
C GLN B 15 24.81 -1.95 10.06
N ASN B 16 23.57 -1.52 10.20
CA ASN B 16 22.45 -2.44 10.42
C ASN B 16 21.89 -3.06 9.15
N ALA B 17 22.58 -2.88 8.03
CA ALA B 17 22.09 -3.38 6.76
C ALA B 17 23.04 -4.37 6.09
N LYS B 18 22.49 -5.19 5.20
CA LYS B 18 23.23 -6.22 4.51
C LYS B 18 23.78 -5.67 3.19
N PRO B 19 25.11 -5.61 3.04
CA PRO B 19 25.70 -5.09 1.80
C PRO B 19 25.29 -5.88 0.59
N GLY B 20 25.21 -5.23 -0.57
CA GLY B 20 24.85 -5.88 -1.82
C GLY B 20 23.38 -6.24 -1.91
N ASP B 21 22.62 -5.88 -0.87
CA ASP B 21 21.20 -6.23 -0.79
C ASP B 21 20.29 -5.00 -0.62
N PRO B 22 19.72 -4.52 -1.73
CA PRO B 22 18.88 -3.31 -1.73
C PRO B 22 17.72 -3.36 -0.74
N GLN B 23 17.12 -4.53 -0.54
CA GLN B 23 15.96 -4.62 0.35
C GLN B 23 16.36 -4.33 1.80
N SER B 24 17.47 -4.93 2.25
CA SER B 24 17.92 -4.68 3.62
C SER B 24 18.20 -3.18 3.79
N VAL B 25 18.80 -2.58 2.78
CA VAL B 25 19.09 -1.15 2.79
C VAL B 25 17.82 -0.34 2.97
N LEU B 26 16.80 -0.66 2.18
CA LEU B 26 15.51 0.02 2.28
C LEU B 26 14.95 -0.07 3.69
N GLU B 27 14.83 -1.28 4.21
CA GLU B 27 14.22 -1.49 5.52
C GLU B 27 14.98 -0.80 6.66
N ALA B 28 16.29 -0.64 6.51
CA ALA B 28 17.09 -0.02 7.56
C ALA B 28 16.79 1.49 7.62
N ILE B 29 16.55 2.08 6.47
CA ILE B 29 16.14 3.47 6.39
C ILE B 29 14.77 3.65 7.02
N ASP B 30 13.85 2.74 6.73
CA ASP B 30 12.49 2.81 7.28
C ASP B 30 12.50 2.72 8.81
N THR B 31 13.24 1.75 9.33
CA THR B 31 13.38 1.60 10.77
C THR B 31 13.92 2.89 11.33
N TYR B 32 15.08 3.29 10.84
CA TYR B 32 15.71 4.51 11.32
C TYR B 32 14.75 5.70 11.32
N CYS B 33 13.99 5.85 10.25
CA CYS B 33 13.08 6.98 10.14
C CYS B 33 11.89 6.90 11.11
N THR B 34 11.54 5.68 11.50
CA THR B 34 10.45 5.49 12.45
C THR B 34 10.92 5.77 13.88
N GLN B 35 12.02 5.13 14.25
CA GLN B 35 12.55 5.21 15.60
C GLN B 35 13.27 6.53 15.89
N LYS B 36 13.89 7.12 14.87
CA LYS B 36 14.56 8.41 15.02
C LYS B 36 13.73 9.58 14.47
N GLU B 37 12.47 9.30 14.14
CA GLU B 37 11.51 10.34 13.77
C GLU B 37 12.06 11.30 12.72
N VAL B 42 7.45 8.88 5.43
CA VAL B 42 7.21 7.59 6.09
C VAL B 42 5.86 6.98 5.71
N GLY B 43 5.88 6.01 4.80
CA GLY B 43 4.65 5.41 4.29
C GLY B 43 4.83 4.24 3.34
N ASP B 44 4.17 3.13 3.67
CA ASP B 44 4.31 1.89 2.91
C ASP B 44 3.57 1.94 1.57
N ALA B 45 2.48 2.69 1.52
CA ALA B 45 1.66 2.79 0.32
C ALA B 45 2.47 3.35 -0.84
N LYS B 46 3.20 4.43 -0.56
CA LYS B 46 4.07 5.03 -1.56
C LYS B 46 5.00 3.97 -2.16
N GLY B 47 5.65 3.18 -1.31
CA GLY B 47 6.53 2.13 -1.79
C GLY B 47 5.80 1.10 -2.65
N GLN B 48 4.61 0.70 -2.22
CA GLN B 48 3.85 -0.28 -2.97
C GLN B 48 3.57 0.26 -4.36
N ILE B 49 3.23 1.54 -4.43
CA ILE B 49 2.82 2.16 -5.68
C ILE B 49 4.00 2.23 -6.64
N MET B 50 5.14 2.69 -6.15
CA MET B 50 6.35 2.75 -6.97
C MET B 50 6.74 1.38 -7.53
N ASP B 51 6.84 0.38 -6.66
CA ASP B 51 7.16 -0.97 -7.09
C ASP B 51 6.19 -1.40 -8.18
N ALA B 52 4.90 -1.23 -7.93
CA ALA B 52 3.93 -1.69 -8.92
C ALA B 52 4.09 -0.92 -10.22
N VAL B 53 4.45 0.35 -10.14
CA VAL B 53 4.60 1.11 -11.39
C VAL B 53 5.79 0.61 -12.21
N ILE B 54 6.96 0.52 -11.58
CA ILE B 54 8.14 -0.03 -12.25
C ILE B 54 7.89 -1.44 -12.82
N ARG B 55 7.33 -2.33 -12.01
CA ARG B 55 7.04 -3.68 -12.50
C ARG B 55 6.06 -3.72 -13.67
N GLU B 56 5.07 -2.83 -13.67
CA GLU B 56 4.09 -2.92 -14.75
C GLU B 56 4.66 -2.41 -16.08
N TYR B 57 5.49 -1.37 -16.01
CA TYR B 57 5.94 -0.68 -17.23
C TYR B 57 7.34 -1.08 -17.72
N SER B 58 8.15 -1.64 -16.83
CA SER B 58 9.46 -2.15 -17.21
C SER B 58 10.32 -1.13 -17.96
N PRO B 59 10.43 0.09 -17.41
CA PRO B 59 11.18 1.13 -18.11
C PRO B 59 12.65 0.77 -18.28
N SER B 60 13.22 1.07 -19.45
CA SER B 60 14.64 0.84 -19.70
C SER B 60 15.48 2.05 -19.30
N LEU B 61 14.85 3.22 -19.27
CA LEU B 61 15.52 4.44 -18.85
C LEU B 61 14.62 5.30 -17.98
N VAL B 62 15.01 5.43 -16.73
CA VAL B 62 14.23 6.15 -15.74
C VAL B 62 14.97 7.42 -15.33
N LEU B 63 14.26 8.54 -15.27
CA LEU B 63 14.80 9.77 -14.72
C LEU B 63 14.13 10.10 -13.39
N GLU B 64 14.94 10.25 -12.36
CA GLU B 64 14.46 10.71 -11.07
C GLU B 64 14.87 12.14 -10.80
N LEU B 65 13.91 12.97 -10.37
CA LEU B 65 14.19 14.35 -9.99
C LEU B 65 14.12 14.49 -8.47
N GLY B 66 15.27 14.64 -7.82
CA GLY B 66 15.30 14.72 -6.37
C GLY B 66 15.76 13.42 -5.74
N ALA B 67 17.05 13.31 -5.48
CA ALA B 67 17.63 12.07 -4.91
C ALA B 67 17.62 12.04 -3.38
N TYR B 68 17.95 13.17 -2.77
CA TYR B 68 18.11 13.24 -1.32
C TYR B 68 19.15 12.23 -0.83
N CYS B 69 18.71 11.25 -0.04
CA CYS B 69 19.62 10.24 0.47
C CYS B 69 19.69 8.96 -0.35
N GLY B 70 18.89 8.87 -1.40
CA GLY B 70 18.97 7.75 -2.33
C GLY B 70 17.92 6.67 -2.11
N TYR B 71 17.06 6.88 -1.12
CA TYR B 71 16.00 5.91 -0.82
C TYR B 71 15.25 5.46 -2.08
N SER B 72 14.72 6.42 -2.83
CA SER B 72 13.86 6.09 -3.96
C SER B 72 14.66 5.61 -5.17
N ALA B 73 15.93 6.01 -5.24
CA ALA B 73 16.81 5.47 -6.26
C ALA B 73 17.12 3.98 -5.99
N VAL B 74 17.26 3.61 -4.72
CA VAL B 74 17.52 2.22 -4.38
C VAL B 74 16.26 1.38 -4.64
N ARG B 75 15.12 1.93 -4.22
CA ARG B 75 13.82 1.32 -4.42
C ARG B 75 13.56 0.99 -5.87
N MET B 76 13.76 1.98 -6.74
CA MET B 76 13.47 1.79 -8.14
C MET B 76 14.52 0.94 -8.84
N ALA B 77 15.79 1.25 -8.57
CA ALA B 77 16.89 0.60 -9.30
C ALA B 77 16.96 -0.89 -9.06
N ARG B 78 16.49 -1.31 -7.89
CA ARG B 78 16.57 -2.72 -7.53
C ARG B 78 15.60 -3.53 -8.39
N LEU B 79 14.73 -2.86 -9.13
CA LEU B 79 13.69 -3.56 -9.87
C LEU B 79 13.86 -3.42 -11.38
N LEU B 80 14.81 -2.61 -11.80
CA LEU B 80 15.11 -2.49 -13.23
C LEU B 80 15.68 -3.79 -13.77
N GLN B 81 15.45 -4.04 -15.05
CA GLN B 81 15.97 -5.22 -15.72
C GLN B 81 17.45 -5.04 -16.06
N PRO B 82 18.13 -6.13 -16.42
CA PRO B 82 19.51 -6.06 -16.92
C PRO B 82 19.60 -5.09 -18.08
N GLY B 83 20.58 -4.19 -18.03
CA GLY B 83 20.81 -3.26 -19.11
C GLY B 83 20.01 -1.97 -18.96
N ALA B 84 18.96 -2.03 -18.15
CA ALA B 84 18.14 -0.85 -17.86
C ALA B 84 18.95 0.09 -16.99
N ARG B 85 18.62 1.38 -17.03
CA ARG B 85 19.39 2.38 -16.31
C ARG B 85 18.54 3.46 -15.61
N LEU B 86 19.03 3.94 -14.47
CA LEU B 86 18.38 5.06 -13.79
C LEU B 86 19.33 6.26 -13.73
N LEU B 87 18.80 7.43 -14.02
CA LEU B 87 19.50 8.71 -13.89
C LEU B 87 18.84 9.55 -12.81
N THR B 88 19.62 10.05 -11.87
CA THR B 88 19.03 10.86 -10.80
C THR B 88 19.68 12.24 -10.67
N MET B 89 18.83 13.27 -10.65
CA MET B 89 19.28 14.65 -10.56
C MET B 89 19.15 15.19 -9.13
N GLU B 90 20.24 15.74 -8.62
CA GLU B 90 20.23 16.25 -7.25
C GLU B 90 21.02 17.55 -7.13
N ILE B 91 20.34 18.63 -6.73
CA ILE B 91 20.92 19.97 -6.70
C ILE B 91 21.94 20.17 -5.57
N ASN B 92 21.79 19.41 -4.50
CA ASN B 92 22.62 19.56 -3.31
C ASN B 92 23.77 18.55 -3.29
N PRO B 93 25.01 19.03 -3.44
CA PRO B 93 26.14 18.10 -3.57
C PRO B 93 26.40 17.24 -2.33
N ASP B 94 25.97 17.69 -1.14
CA ASP B 94 26.10 16.87 0.05
C ASP B 94 25.18 15.64 -0.05
N CYS B 95 23.93 15.88 -0.41
CA CYS B 95 22.97 14.80 -0.64
C CYS B 95 23.43 13.86 -1.75
N ALA B 96 23.86 14.40 -2.89
CA ALA B 96 24.32 13.56 -3.99
C ALA B 96 25.43 12.62 -3.51
N ALA B 97 26.27 13.12 -2.61
CA ALA B 97 27.39 12.35 -2.09
C ALA B 97 26.94 11.21 -1.17
N ILE B 98 25.89 11.46 -0.40
CA ILE B 98 25.33 10.42 0.45
C ILE B 98 24.74 9.32 -0.41
N THR B 99 23.96 9.74 -1.40
CA THR B 99 23.25 8.86 -2.32
C THR B 99 24.23 7.93 -3.04
N GLN B 100 25.32 8.49 -3.52
CA GLN B 100 26.32 7.68 -4.19
C GLN B 100 26.75 6.54 -3.28
N GLN B 101 26.99 6.84 -2.01
CA GLN B 101 27.43 5.82 -1.07
C GLN B 101 26.30 4.87 -0.67
N MET B 102 25.07 5.36 -0.70
CA MET B 102 23.91 4.49 -0.50
C MET B 102 23.85 3.46 -1.64
N LEU B 103 24.09 3.92 -2.87
CA LEU B 103 24.10 3.03 -4.03
C LEU B 103 25.26 2.05 -4.01
N ASN B 104 26.45 2.55 -3.71
CA ASN B 104 27.62 1.69 -3.62
C ASN B 104 27.33 0.55 -2.65
N PHE B 105 26.77 0.89 -1.50
CA PHE B 105 26.45 -0.13 -0.52
C PHE B 105 25.46 -1.15 -1.09
N ALA B 106 24.34 -0.66 -1.59
CA ALA B 106 23.29 -1.51 -2.14
C ALA B 106 23.77 -2.30 -3.36
N GLY B 107 24.96 -1.95 -3.86
CA GLY B 107 25.52 -2.61 -5.03
C GLY B 107 24.79 -2.25 -6.31
N LEU B 108 24.24 -1.05 -6.37
CA LEU B 108 23.49 -0.62 -7.55
C LEU B 108 24.19 0.50 -8.30
N GLN B 109 25.42 0.81 -7.91
CA GLN B 109 26.14 1.94 -8.49
C GLN B 109 26.27 1.84 -10.01
N ASP B 110 26.15 0.62 -10.52
CA ASP B 110 26.32 0.37 -11.94
C ASP B 110 25.05 0.67 -12.73
N LYS B 111 23.90 0.55 -12.07
CA LYS B 111 22.61 0.81 -12.72
C LYS B 111 22.23 2.29 -12.67
N VAL B 112 22.88 3.04 -11.79
CA VAL B 112 22.48 4.42 -11.54
C VAL B 112 23.61 5.41 -11.78
N THR B 113 23.27 6.50 -12.44
CA THR B 113 24.18 7.63 -12.59
C THR B 113 23.57 8.85 -11.93
N ILE B 114 24.33 9.48 -11.04
CA ILE B 114 23.86 10.67 -10.36
C ILE B 114 24.26 11.92 -11.15
N LEU B 115 23.31 12.80 -11.41
CA LEU B 115 23.58 14.05 -12.09
C LEU B 115 23.54 15.21 -11.10
N ASN B 116 24.68 15.90 -10.95
CA ASN B 116 24.81 16.98 -9.98
C ASN B 116 24.41 18.31 -10.56
N GLY B 117 23.29 18.86 -10.10
CA GLY B 117 22.85 20.15 -10.59
C GLY B 117 21.36 20.30 -10.45
N ALA B 118 20.85 21.47 -10.84
CA ALA B 118 19.41 21.72 -10.83
C ALA B 118 18.77 21.12 -12.06
N SER B 119 17.57 20.57 -11.89
CA SER B 119 16.84 19.95 -12.98
C SER B 119 16.65 20.91 -14.16
N GLN B 120 16.39 22.18 -13.88
CA GLN B 120 16.06 23.13 -14.93
C GLN B 120 17.27 23.40 -15.79
N ASP B 121 18.47 23.21 -15.22
CA ASP B 121 19.69 23.36 -15.99
C ASP B 121 20.09 22.06 -16.74
N LEU B 122 19.87 20.90 -16.11
CA LEU B 122 20.28 19.61 -16.69
C LEU B 122 19.34 19.06 -17.74
N ILE B 123 18.04 19.29 -17.56
CA ILE B 123 17.12 18.70 -18.53
C ILE B 123 17.46 19.11 -19.97
N PRO B 124 17.74 20.41 -20.20
CA PRO B 124 18.07 20.83 -21.57
C PRO B 124 19.37 20.23 -22.09
N GLN B 125 20.14 19.58 -21.22
CA GLN B 125 21.44 19.01 -21.60
C GLN B 125 21.43 17.51 -21.78
N LEU B 126 20.30 16.86 -21.47
CA LEU B 126 20.21 15.41 -21.51
C LEU B 126 20.41 14.89 -22.91
N LYS B 127 19.78 15.53 -23.88
CA LYS B 127 19.89 15.11 -25.27
C LYS B 127 21.35 15.04 -25.70
N LYS B 128 22.00 16.20 -25.71
CA LYS B 128 23.29 16.37 -26.38
C LYS B 128 24.50 15.94 -25.55
N LYS B 129 24.41 16.03 -24.24
CA LYS B 129 25.56 15.77 -23.38
C LYS B 129 25.49 14.39 -22.72
N TYR B 130 24.27 13.94 -22.42
CA TYR B 130 24.07 12.66 -21.76
C TYR B 130 23.44 11.61 -22.68
N ASP B 131 23.59 11.83 -23.99
CA ASP B 131 23.16 10.88 -25.02
C ASP B 131 21.78 10.25 -24.79
N VAL B 132 20.81 11.06 -24.38
CA VAL B 132 19.45 10.56 -24.22
C VAL B 132 18.66 10.76 -25.51
N ASP B 133 17.80 9.80 -25.82
CA ASP B 133 16.79 9.93 -26.86
C ASP B 133 15.46 10.30 -26.19
N THR B 134 14.80 9.32 -25.61
CA THR B 134 13.59 9.60 -24.84
C THR B 134 13.61 8.81 -23.55
N LEU B 135 12.91 9.31 -22.54
CA LEU B 135 12.75 8.61 -21.26
C LEU B 135 11.52 7.70 -21.25
N ASP B 136 11.66 6.52 -20.65
CA ASP B 136 10.51 5.63 -20.45
C ASP B 136 9.71 5.98 -19.21
N MET B 137 10.35 6.65 -18.26
CA MET B 137 9.68 7.00 -17.00
C MET B 137 10.38 8.15 -16.30
N VAL B 138 9.58 9.03 -15.69
CA VAL B 138 10.11 10.14 -14.89
C VAL B 138 9.44 10.09 -13.51
N PHE B 139 10.25 10.14 -12.45
CA PHE B 139 9.74 10.25 -11.10
C PHE B 139 9.99 11.67 -10.58
N LEU B 140 8.93 12.44 -10.33
CA LEU B 140 9.09 13.80 -9.80
C LEU B 140 8.98 13.82 -8.29
N ASP B 141 10.06 14.17 -7.62
CA ASP B 141 10.03 14.18 -6.16
C ASP B 141 10.81 15.35 -5.58
N HIS B 142 10.96 16.41 -6.37
CA HIS B 142 11.86 17.50 -5.97
C HIS B 142 11.06 18.73 -5.53
N TRP B 143 11.57 19.94 -5.80
CA TRP B 143 10.88 21.12 -5.32
C TRP B 143 9.51 21.22 -6.01
N LYS B 144 8.46 21.41 -5.22
CA LYS B 144 7.09 21.25 -5.70
C LYS B 144 6.73 22.28 -6.78
N ASP B 145 7.31 23.46 -6.69
CA ASP B 145 6.99 24.48 -7.68
C ASP B 145 7.71 24.21 -9.00
N ARG B 146 8.48 23.12 -9.08
CA ARG B 146 9.11 22.76 -10.36
C ARG B 146 8.41 21.60 -11.08
N TYR B 147 7.39 21.00 -10.47
CA TYR B 147 6.76 19.82 -11.08
C TYR B 147 6.24 20.19 -12.44
N LEU B 148 5.48 21.28 -12.50
CA LEU B 148 4.88 21.67 -13.77
C LEU B 148 5.92 22.28 -14.74
N PRO B 149 6.71 23.27 -14.30
CA PRO B 149 7.73 23.83 -15.19
C PRO B 149 8.57 22.72 -15.84
N ASP B 150 9.06 21.77 -15.03
CA ASP B 150 9.92 20.70 -15.54
C ASP B 150 9.18 19.74 -16.46
N THR B 151 7.89 19.54 -16.20
CA THR B 151 7.09 18.71 -17.09
C THR B 151 7.02 19.38 -18.45
N LEU B 152 6.78 20.70 -18.45
CA LEU B 152 6.77 21.46 -19.69
C LEU B 152 8.15 21.44 -20.34
N LEU B 153 9.19 21.53 -19.53
CA LEU B 153 10.53 21.54 -20.07
C LEU B 153 10.86 20.19 -20.72
N LEU B 154 10.43 19.09 -20.09
CA LEU B 154 10.59 17.74 -20.69
C LEU B 154 9.89 17.57 -22.04
N GLU B 155 8.65 18.04 -22.15
CA GLU B 155 7.99 18.04 -23.46
C GLU B 155 8.80 18.86 -24.47
N LYS B 156 9.17 20.06 -24.03
CA LYS B 156 9.83 21.05 -24.89
C LYS B 156 11.12 20.50 -25.49
N CYS B 157 11.84 19.72 -24.70
CA CYS B 157 13.13 19.18 -25.13
C CYS B 157 12.98 17.85 -25.87
N GLY B 158 11.75 17.41 -26.11
CA GLY B 158 11.51 16.21 -26.89
C GLY B 158 11.93 14.93 -26.19
N LEU B 159 11.82 14.92 -24.87
CA LEU B 159 12.30 13.82 -24.05
C LEU B 159 11.22 12.80 -23.68
N LEU B 160 9.95 13.16 -23.91
CA LEU B 160 8.83 12.25 -23.66
C LEU B 160 8.33 11.63 -24.97
N ARG B 161 8.05 10.34 -24.94
CA ARG B 161 7.43 9.65 -26.07
C ARG B 161 6.05 9.17 -25.64
N LYS B 162 5.24 8.71 -26.59
CA LYS B 162 3.92 8.19 -26.28
C LYS B 162 4.14 6.94 -25.42
N GLY B 163 3.56 6.92 -24.21
CA GLY B 163 3.77 5.81 -23.31
C GLY B 163 4.74 6.12 -22.18
N THR B 164 5.48 7.22 -22.28
CA THR B 164 6.31 7.59 -21.15
C THR B 164 5.43 7.80 -19.92
N VAL B 165 5.87 7.27 -18.78
CA VAL B 165 5.12 7.39 -17.54
C VAL B 165 5.74 8.45 -16.64
N LEU B 166 4.96 9.46 -16.29
CA LEU B 166 5.33 10.36 -15.20
C LEU B 166 4.65 9.91 -13.93
N LEU B 167 5.44 9.76 -12.89
CA LEU B 167 4.92 9.48 -11.56
C LEU B 167 5.36 10.61 -10.64
N ALA B 168 4.41 11.34 -10.08
CA ALA B 168 4.72 12.47 -9.21
C ALA B 168 4.28 12.21 -7.75
N ASP B 169 5.20 12.40 -6.81
CA ASP B 169 4.94 12.22 -5.40
C ASP B 169 4.51 13.55 -4.76
N ASN B 170 3.80 13.46 -3.63
CA ASN B 170 3.42 14.64 -2.85
C ASN B 170 2.54 15.62 -3.60
N VAL B 171 1.63 15.11 -4.42
CA VAL B 171 0.80 16.02 -5.22
C VAL B 171 -0.31 16.67 -4.41
N ILE B 172 -0.53 16.16 -3.19
CA ILE B 172 -1.54 16.71 -2.28
C ILE B 172 -0.93 17.46 -1.09
N VAL B 173 0.15 16.91 -0.55
CA VAL B 173 0.78 17.50 0.63
C VAL B 173 2.27 17.61 0.39
N PRO B 174 2.80 18.85 0.28
CA PRO B 174 2.04 20.08 0.52
C PRO B 174 1.17 20.47 -0.66
N GLY B 175 1.44 19.90 -1.84
CA GLY B 175 0.51 19.98 -2.95
C GLY B 175 1.08 20.63 -4.20
N THR B 176 0.75 20.07 -5.36
CA THR B 176 1.11 20.62 -6.65
C THR B 176 -0.18 20.76 -7.46
N PRO B 177 -1.09 21.63 -7.01
CA PRO B 177 -2.37 21.76 -7.72
C PRO B 177 -2.24 22.19 -9.20
N ASP B 178 -1.28 23.04 -9.53
CA ASP B 178 -1.14 23.51 -10.92
C ASP B 178 -0.66 22.38 -11.84
N PHE B 179 0.33 21.63 -11.37
CA PHE B 179 0.74 20.42 -12.08
C PHE B 179 -0.47 19.51 -12.34
N LEU B 180 -1.24 19.22 -11.31
CA LEU B 180 -2.36 18.28 -11.48
C LEU B 180 -3.38 18.77 -12.50
N ALA B 181 -3.74 20.04 -12.37
CA ALA B 181 -4.74 20.64 -13.24
C ALA B 181 -4.29 20.57 -14.69
N TYR B 182 -2.98 20.72 -14.89
CA TYR B 182 -2.44 20.66 -16.25
C TYR B 182 -2.46 19.26 -16.83
N VAL B 183 -1.89 18.29 -16.12
CA VAL B 183 -1.81 16.97 -16.71
C VAL B 183 -3.19 16.35 -16.85
N ARG B 184 -4.07 16.61 -15.88
CA ARG B 184 -5.44 16.10 -15.99
C ARG B 184 -6.20 16.80 -17.11
N GLY B 185 -5.97 18.10 -17.29
CA GLY B 185 -6.70 18.84 -18.31
C GLY B 185 -6.22 18.59 -19.73
N SER B 186 -5.01 18.03 -19.86
CA SER B 186 -4.36 17.95 -21.16
C SER B 186 -4.55 16.62 -21.88
N SER B 187 -5.07 16.68 -23.11
CA SER B 187 -5.21 15.45 -23.88
C SER B 187 -3.86 14.78 -24.17
N SER B 188 -2.76 15.40 -23.75
CA SER B 188 -1.44 14.78 -23.91
C SER B 188 -1.03 13.88 -22.73
N PHE B 189 -1.84 13.86 -21.66
CA PHE B 189 -1.57 12.96 -20.53
C PHE B 189 -2.79 12.10 -20.13
N GLU B 190 -2.58 10.82 -19.84
CA GLU B 190 -3.64 10.01 -19.25
C GLU B 190 -3.30 9.74 -17.80
N CYS B 191 -4.16 10.22 -16.89
CA CYS B 191 -3.79 10.22 -15.48
C CYS B 191 -4.58 9.25 -14.58
N THR B 192 -3.89 8.80 -13.52
CA THR B 192 -4.48 8.01 -12.46
C THR B 192 -3.92 8.55 -11.13
N HIS B 193 -4.82 8.78 -10.16
CA HIS B 193 -4.39 9.20 -8.83
C HIS B 193 -4.32 8.01 -7.88
N TYR B 194 -3.24 7.92 -7.11
CA TYR B 194 -3.18 6.90 -6.05
C TYR B 194 -3.04 7.52 -4.67
N SER B 195 -3.92 7.15 -3.76
CA SER B 195 -3.83 7.67 -2.40
C SER B 195 -2.58 7.15 -1.70
N SER B 196 -2.03 7.97 -0.82
CA SER B 196 -0.78 7.68 -0.15
C SER B 196 -0.83 8.26 1.26
N TYR B 197 -1.31 7.48 2.21
CA TYR B 197 -1.38 7.90 3.61
C TYR B 197 0.02 8.08 4.21
N LEU B 198 0.21 9.21 4.88
CA LEU B 198 1.46 9.54 5.56
C LEU B 198 1.26 9.44 7.07
N GLU B 199 2.09 8.65 7.73
CA GLU B 199 1.90 8.36 9.14
C GLU B 199 2.08 9.57 10.07
N TYR B 200 3.21 10.27 9.97
CA TYR B 200 3.53 11.29 10.98
C TYR B 200 2.51 12.41 11.02
N MET B 201 2.07 12.82 9.84
CA MET B 201 1.07 13.87 9.69
C MET B 201 -0.33 13.30 9.63
N LYS B 202 -0.44 11.97 9.69
CA LYS B 202 -1.73 11.29 9.67
C LYS B 202 -2.63 11.94 8.62
N VAL B 203 -2.15 11.98 7.39
CA VAL B 203 -2.88 12.64 6.32
C VAL B 203 -2.78 11.80 5.04
N VAL B 204 -3.83 11.89 4.23
CA VAL B 204 -3.83 11.23 2.92
C VAL B 204 -3.24 12.13 1.86
N ASP B 205 -2.02 11.80 1.43
CA ASP B 205 -1.36 12.52 0.33
C ASP B 205 -1.69 11.72 -0.95
N GLY B 206 -0.89 11.84 -1.99
CA GLY B 206 -1.15 11.02 -3.17
C GLY B 206 -0.03 11.12 -4.18
N LEU B 207 0.08 10.11 -5.02
CA LEU B 207 0.93 10.17 -6.20
C LEU B 207 0.04 10.28 -7.43
N GLU B 208 0.50 10.99 -8.44
CA GLU B 208 -0.19 11.00 -9.73
C GLU B 208 0.64 10.26 -10.73
N LYS B 209 -0.03 9.42 -11.51
CA LYS B 209 0.58 8.78 -12.66
C LYS B 209 -0.04 9.40 -13.92
N ALA B 210 0.82 9.99 -14.74
CA ALA B 210 0.35 10.61 -15.96
C ALA B 210 1.17 10.02 -17.09
N ILE B 211 0.48 9.42 -18.05
CA ILE B 211 1.16 8.78 -19.16
C ILE B 211 1.07 9.66 -20.40
N TYR B 212 2.23 9.96 -20.99
CA TYR B 212 2.28 10.85 -22.15
C TYR B 212 1.64 10.18 -23.37
N GLN B 213 0.81 10.93 -24.09
CA GLN B 213 0.05 10.39 -25.20
C GLN B 213 0.56 11.00 -26.51
N GLY B 214 1.67 11.74 -26.40
CA GLY B 214 2.24 12.44 -27.54
C GLY B 214 1.64 13.83 -27.68
N PRO B 215 2.31 14.70 -28.45
CA PRO B 215 1.86 16.09 -28.58
C PRO B 215 0.43 16.19 -29.11
N SER B 216 -0.31 17.20 -28.65
CA SER B 216 -1.69 17.43 -29.05
C SER B 216 -2.00 16.89 -30.46
N SAH C . -13.54 -6.89 5.00
CA SAH C . -14.15 -5.66 4.50
CB SAH C . -14.58 -5.88 3.06
CG SAH C . -13.48 -6.32 2.09
SD SAH C . -14.05 -6.06 0.40
C SAH C . -15.35 -5.21 5.35
O SAH C . -16.24 -6.01 5.64
OXT SAH C . -15.46 -4.04 5.75
C5' SAH C . -12.57 -6.78 -0.37
C4' SAH C . -11.30 -5.93 -0.23
O4' SAH C . -10.20 -6.79 -0.42
C3' SAH C . -11.16 -4.82 -1.27
O3' SAH C . -10.82 -3.61 -0.61
C2' SAH C . -10.02 -5.27 -2.19
O2' SAH C . -9.19 -4.20 -2.59
C1' SAH C . -9.23 -6.17 -1.26
N9 SAH C . -8.50 -7.28 -1.87
C8 SAH C . -8.93 -8.12 -2.87
N7 SAH C . -7.96 -9.05 -3.08
C5 SAH C . -6.92 -8.81 -2.21
C6 SAH C . -5.69 -9.44 -2.00
N6 SAH C . -5.33 -10.50 -2.72
N1 SAH C . -4.84 -8.96 -1.03
C2 SAH C . -5.20 -7.86 -0.27
N3 SAH C . -6.42 -7.23 -0.50
C4 SAH C . -7.27 -7.70 -1.45
MG MG D . -17.95 -9.96 2.20
C4 7JX E . -19.60 -9.21 -0.05
C5 7JX E . -18.32 -9.13 -0.62
C6 7JX E . -18.19 -9.12 -2.01
C7 7JX E . -16.94 -9.04 -2.59
C8 7JX E . -15.82 -8.97 -1.79
C1 7JX E . -20.72 -9.29 -0.85
C2 7JX E . -20.57 -9.28 -2.23
C3 7JX E . -19.31 -9.19 -2.81
C9 7JX E . -15.95 -8.98 -0.41
N10 7JX E . -17.19 -9.06 0.15
BR1 7JX E . -22.15 -9.39 -3.35
O12 7JX E . -19.81 -9.24 1.31
CL3 7JX E . -14.25 -8.87 -2.52
NA NA F . -13.86 -30.68 7.86
N SAH G . 13.35 11.14 -3.81
CA SAH G . 13.86 11.18 -2.45
CB SAH G . 13.47 12.45 -1.70
CG SAH G . 13.61 13.75 -2.49
SD SAH G . 13.52 15.15 -1.33
C SAH G . 13.45 9.94 -1.62
O SAH G . 12.35 9.40 -1.77
OXT SAH G . 14.22 9.48 -0.77
C5' SAH G . 13.80 16.37 -2.64
C4' SAH G . 15.25 16.52 -3.08
O4' SAH G . 15.22 17.32 -4.22
C3' SAH G . 16.19 17.27 -2.12
O3' SAH G . 17.36 16.50 -1.97
C2' SAH G . 16.57 18.57 -2.82
O2' SAH G . 17.93 18.90 -2.67
C1' SAH G . 16.33 18.22 -4.26
N9 SAH G . 15.94 19.31 -5.15
C8 SAH G . 15.09 20.37 -4.91
N7 SAH G . 14.99 21.10 -6.03
C5 SAH G . 15.73 20.52 -7.01
C6 SAH G . 15.97 20.83 -8.34
N6 SAH G . 15.45 21.92 -8.92
N1 SAH G . 16.81 20.02 -9.07
C2 SAH G . 17.38 18.91 -8.51
N3 SAH G . 17.14 18.61 -7.20
C4 SAH G . 16.33 19.40 -6.46
NA NA H . -5.47 14.45 -19.27
#